data_5NFU
#
_entry.id   5NFU
#
_cell.length_a   35.197
_cell.length_b   59.808
_cell.length_c   58.256
_cell.angle_alpha   90.00
_cell.angle_beta   102.69
_cell.angle_gamma   90.00
#
_symmetry.space_group_name_H-M   'P 1 21 1'
#
loop_
_entity.id
_entity.type
_entity.pdbx_description
1 polymer 'Serine/threonine-protein kinase PLK1'
2 polymer Ac-LEU-HIS-SER-(TPO)-ALA
3 water water
#
loop_
_entity_poly.entity_id
_entity_poly.type
_entity_poly.pdbx_seq_one_letter_code
_entity_poly.pdbx_strand_id
1 'polypeptide(L)'
;GAHMDCHLSDMLQQLHSVNASKPSERGLVRQEEAEDPACIPIFWVSKWVDYSDKYGLGYQLCDNSVGVLFNDSTRLILYN
DGDSLQYIERDGTESYLTVSSHPNSLMKKITLLKYFRNYMSEHLLKAGANITPREGDELARLPYLRTWFRTRSAIILHLS
NGSVQINFFQDHTKLILCPLMAAVTYIDEKRDFRTYRLSLLEEYGCCKELASRLRYARTMVDKLLSSRSASNRLKA
;
A
2 'polypeptide(L)' (LAY)HS(TPO)A C
#
# COMPACT_ATOMS: atom_id res chain seq x y z
N HIS A 7 -11.98 -1.53 8.24
CA HIS A 7 -11.95 -0.51 7.20
C HIS A 7 -12.31 -1.06 5.83
N LEU A 8 -12.18 -2.37 5.63
CA LEU A 8 -12.43 -2.95 4.31
C LEU A 8 -13.90 -2.80 3.92
N SER A 9 -14.79 -3.06 4.87
CA SER A 9 -16.22 -2.93 4.61
C SER A 9 -16.58 -1.50 4.22
N ASP A 10 -16.03 -0.52 4.95
CA ASP A 10 -16.18 0.89 4.60
C ASP A 10 -15.63 1.16 3.21
N MET A 11 -14.46 0.62 2.91
CA MET A 11 -13.85 0.88 1.60
C MET A 11 -14.76 0.32 0.52
N LEU A 12 -15.33 -0.86 0.79
CA LEU A 12 -16.21 -1.51 -0.19
C LEU A 12 -17.44 -0.64 -0.47
N GLN A 13 -18.03 -0.08 0.59
CA GLN A 13 -19.21 0.77 0.42
C GLN A 13 -18.86 2.02 -0.37
N GLN A 14 -17.71 2.62 -0.07
CA GLN A 14 -17.27 3.81 -0.80
C GLN A 14 -17.06 3.52 -2.29
N LEU A 15 -16.47 2.36 -2.60
CA LEU A 15 -16.30 1.93 -3.99
C LEU A 15 -17.65 1.65 -4.67
N HIS A 16 -18.56 0.98 -3.98
CA HIS A 16 -19.91 0.73 -4.56
C HIS A 16 -20.53 2.07 -4.95
N SER A 17 -20.42 3.03 -4.05
CA SER A 17 -20.99 4.34 -4.25
C SER A 17 -20.41 5.06 -5.46
N VAL A 18 -19.07 5.10 -5.60
CA VAL A 18 -18.52 5.82 -6.73
C VAL A 18 -18.76 5.06 -8.03
N ASN A 19 -18.63 3.73 -7.98
CA ASN A 19 -18.80 2.93 -9.21
C ASN A 19 -20.23 3.01 -9.74
N ALA A 20 -21.18 3.03 -8.81
CA ALA A 20 -22.60 3.14 -9.18
C ALA A 20 -22.99 4.48 -9.82
N SER A 21 -22.26 5.54 -9.50
CA SER A 21 -22.52 6.86 -10.11
C SER A 21 -22.05 6.93 -11.57
N LYS A 22 -21.36 5.89 -12.02
CA LYS A 22 -20.84 5.78 -13.39
C LYS A 22 -20.06 7.00 -13.85
N PRO A 23 -18.92 7.25 -13.18
CA PRO A 23 -18.18 8.51 -13.28
C PRO A 23 -17.66 8.84 -14.68
N SER A 24 -17.40 7.84 -15.52
CA SER A 24 -16.83 8.15 -16.83
C SER A 24 -17.95 8.51 -17.82
N GLU A 25 -19.20 8.33 -17.40
CA GLU A 25 -20.36 8.65 -18.25
C GLU A 25 -21.02 10.00 -17.93
N ARG A 26 -20.41 10.78 -17.04
CA ARG A 26 -20.92 12.12 -16.68
C ARG A 26 -21.07 12.96 -17.97
N GLY A 27 -22.11 13.79 -18.04
CA GLY A 27 -22.34 14.60 -19.23
C GLY A 27 -21.15 15.50 -19.49
N LEU A 28 -20.60 16.04 -18.41
CA LEU A 28 -19.36 16.79 -18.47
C LEU A 28 -18.47 16.30 -17.34
N VAL A 29 -17.42 15.57 -17.68
CA VAL A 29 -16.46 15.12 -16.68
C VAL A 29 -15.53 16.27 -16.31
N ARG A 30 -15.48 16.59 -15.02
CA ARG A 30 -14.60 17.64 -14.53
C ARG A 30 -13.72 17.03 -13.43
N GLN A 31 -12.89 16.08 -13.85
CA GLN A 31 -12.05 15.31 -12.95
C GLN A 31 -11.16 16.17 -12.04
N GLU A 32 -10.59 17.26 -12.56
CA GLU A 32 -9.69 18.07 -11.75
C GLU A 32 -10.42 18.71 -10.55
N GLU A 33 -11.73 18.87 -10.67
CA GLU A 33 -12.50 19.48 -9.59
C GLU A 33 -12.61 18.56 -8.40
N ALA A 34 -12.24 17.29 -8.58
CA ALA A 34 -12.36 16.30 -7.49
C ALA A 34 -11.04 16.08 -6.77
N GLU A 35 -10.00 16.77 -7.22
CA GLU A 35 -8.69 16.63 -6.61
C GLU A 35 -8.65 17.24 -5.22
N ASP A 36 -7.86 16.62 -4.35
CA ASP A 36 -7.67 17.16 -3.01
C ASP A 36 -6.34 16.68 -2.47
N PRO A 37 -5.30 17.50 -2.67
CA PRO A 37 -3.92 17.25 -2.21
C PRO A 37 -3.82 17.07 -0.69
N ALA A 38 -4.78 17.57 0.08
CA ALA A 38 -4.75 17.35 1.53
C ALA A 38 -4.97 15.90 1.95
N CYS A 39 -5.47 15.08 1.02
CA CYS A 39 -5.81 13.71 1.34
C CYS A 39 -4.70 12.76 0.91
N ILE A 40 -3.56 13.31 0.52
CA ILE A 40 -2.39 12.47 0.19
C ILE A 40 -2.11 11.56 1.38
N PRO A 41 -1.73 10.29 1.11
CA PRO A 41 -1.52 9.36 2.23
C PRO A 41 -0.33 9.75 3.11
N ILE A 42 -0.32 9.26 4.35
CA ILE A 42 0.88 9.32 5.17
C ILE A 42 1.84 8.21 4.76
N PHE A 43 1.29 7.03 4.47
CA PHE A 43 2.09 5.84 4.17
C PHE A 43 1.62 5.15 2.92
N TRP A 44 2.55 4.70 2.10
CA TRP A 44 2.23 3.75 1.05
C TRP A 44 3.45 2.88 0.83
N VAL A 45 3.29 1.85 0.00
CA VAL A 45 4.39 0.92 -0.28
C VAL A 45 5.17 1.44 -1.45
N SER A 46 6.42 1.79 -1.20
CA SER A 46 7.25 2.33 -2.27
C SER A 46 8.01 1.25 -3.07
N LYS A 47 8.33 0.12 -2.44
CA LYS A 47 9.11 -0.93 -3.09
C LYS A 47 8.70 -2.27 -2.49
N TRP A 48 8.84 -3.36 -3.25
CA TRP A 48 8.59 -4.68 -2.68
C TRP A 48 9.41 -5.78 -3.37
N VAL A 49 9.69 -6.86 -2.62
CA VAL A 49 10.36 -8.06 -3.17
C VAL A 49 9.60 -9.33 -2.73
N ASP A 50 9.18 -10.13 -3.70
CA ASP A 50 8.41 -11.35 -3.44
C ASP A 50 9.34 -12.58 -3.40
N TYR A 51 9.76 -12.97 -2.20
CA TYR A 51 10.54 -14.20 -1.99
C TYR A 51 9.64 -15.22 -1.30
N SER A 52 8.36 -15.24 -1.66
CA SER A 52 7.36 -15.99 -0.90
C SER A 52 7.47 -17.49 -1.12
N ASP A 53 8.27 -17.89 -2.12
CA ASP A 53 8.53 -19.32 -2.32
C ASP A 53 9.23 -19.98 -1.12
N LYS A 54 10.07 -19.23 -0.43
CA LYS A 54 10.89 -19.78 0.65
C LYS A 54 10.82 -18.97 1.93
N TYR A 55 10.68 -17.65 1.81
CA TYR A 55 10.83 -16.78 2.97
C TYR A 55 9.62 -15.90 3.24
N GLY A 56 9.25 -15.09 2.25
CA GLY A 56 8.13 -14.18 2.45
C GLY A 56 8.22 -12.97 1.55
N LEU A 57 7.44 -11.95 1.88
CA LEU A 57 7.33 -10.75 1.05
C LEU A 57 7.98 -9.58 1.80
N GLY A 58 9.02 -8.97 1.24
CA GLY A 58 9.61 -7.78 1.83
C GLY A 58 9.13 -6.49 1.16
N TYR A 59 9.05 -5.39 1.90
CA TYR A 59 8.51 -4.14 1.31
C TYR A 59 9.14 -2.95 2.02
N GLN A 60 9.12 -1.81 1.33
CA GLN A 60 9.61 -0.59 1.88
C GLN A 60 8.45 0.37 1.89
N LEU A 61 8.24 1.09 2.97
CA LEU A 61 7.21 2.14 2.96
C LEU A 61 7.83 3.47 2.54
N CYS A 62 7.00 4.45 2.18
CA CYS A 62 7.53 5.68 1.60
C CYS A 62 8.38 6.50 2.60
N ASP A 63 8.33 6.16 3.88
CA ASP A 63 9.15 6.85 4.91
C ASP A 63 10.51 6.15 5.09
N ASN A 64 10.79 5.21 4.21
CA ASN A 64 12.04 4.44 4.16
C ASN A 64 12.17 3.33 5.20
N SER A 65 11.12 3.08 5.99
CA SER A 65 11.10 1.91 6.85
C SER A 65 10.85 0.67 5.98
N VAL A 66 11.25 -0.50 6.46
CA VAL A 66 11.01 -1.73 5.71
C VAL A 66 10.34 -2.76 6.60
N GLY A 67 9.68 -3.73 5.98
CA GLY A 67 9.00 -4.76 6.74
C GLY A 67 9.04 -6.05 5.95
N VAL A 68 8.78 -7.16 6.63
CA VAL A 68 8.63 -8.44 5.96
C VAL A 68 7.44 -9.15 6.57
N LEU A 69 6.61 -9.74 5.72
CA LEU A 69 5.59 -10.68 6.17
C LEU A 69 6.12 -12.05 5.78
N PHE A 70 6.56 -12.81 6.77
CA PHE A 70 7.20 -14.09 6.53
C PHE A 70 6.13 -15.16 6.29
N ASN A 71 6.55 -16.28 5.68
CA ASN A 71 5.63 -17.36 5.36
C ASN A 71 4.98 -17.99 6.60
N ASP A 72 5.64 -17.87 7.75
CA ASP A 72 5.11 -18.45 8.99
C ASP A 72 4.15 -17.52 9.72
N SER A 73 3.66 -16.49 9.01
CA SER A 73 2.67 -15.58 9.57
C SER A 73 3.21 -14.52 10.53
N THR A 74 4.53 -14.47 10.72
CA THR A 74 5.12 -13.48 11.60
C THR A 74 5.54 -12.25 10.79
N ARG A 75 5.72 -11.12 11.47
CA ARG A 75 6.15 -9.89 10.78
C ARG A 75 7.32 -9.24 11.49
N LEU A 76 8.26 -8.72 10.72
CA LEU A 76 9.37 -7.97 11.30
C LEU A 76 9.45 -6.60 10.62
N ILE A 77 9.46 -5.51 11.39
CA ILE A 77 9.50 -4.17 10.84
C ILE A 77 10.75 -3.45 11.33
N LEU A 78 11.51 -2.87 10.43
CA LEU A 78 12.69 -2.08 10.79
C LEU A 78 12.35 -0.61 10.56
N TYR A 79 12.41 0.21 11.61
CA TYR A 79 12.05 1.63 11.48
C TYR A 79 13.13 2.38 10.69
N ASN A 80 12.84 3.59 10.23
CA ASN A 80 13.77 4.26 9.32
C ASN A 80 15.05 4.75 10.00
N ASP A 81 15.13 4.59 11.32
CA ASP A 81 16.38 4.91 12.01
C ASP A 81 17.40 3.79 11.76
N GLY A 82 16.93 2.71 11.14
CA GLY A 82 17.80 1.61 10.76
C GLY A 82 18.24 0.76 11.94
N ASP A 83 17.65 0.99 13.10
CA ASP A 83 18.00 0.17 14.26
C ASP A 83 16.80 -0.40 15.04
N SER A 84 15.73 0.40 15.17
CA SER A 84 14.57 -0.02 15.97
C SER A 84 13.73 -1.06 15.24
N LEU A 85 13.41 -2.17 15.92
CA LEU A 85 12.65 -3.26 15.34
C LEU A 85 11.34 -3.52 16.08
N GLN A 86 10.29 -3.82 15.33
CA GLN A 86 9.09 -4.41 15.91
C GLN A 86 8.86 -5.79 15.34
N TYR A 87 8.64 -6.77 16.21
CA TYR A 87 8.37 -8.12 15.79
C TYR A 87 6.96 -8.47 16.22
N ILE A 88 6.19 -9.04 15.29
CA ILE A 88 4.83 -9.44 15.58
C ILE A 88 4.71 -10.95 15.39
N GLU A 89 4.44 -11.69 16.47
CA GLU A 89 4.33 -13.15 16.36
C GLU A 89 3.01 -13.57 15.72
N ARG A 90 2.86 -14.85 15.39
CA ARG A 90 1.63 -15.40 14.80
C ARG A 90 0.37 -14.92 15.51
N ASP A 91 0.41 -14.99 16.84
CA ASP A 91 -0.76 -14.70 17.67
C ASP A 91 -1.01 -13.22 17.92
N GLY A 92 -0.16 -12.36 17.35
CA GLY A 92 -0.37 -10.92 17.44
C GLY A 92 0.44 -10.20 18.48
N THR A 93 1.18 -10.95 19.30
CA THR A 93 2.03 -10.32 20.30
C THR A 93 3.16 -9.53 19.63
N GLU A 94 3.28 -8.26 20.02
CA GLU A 94 4.29 -7.34 19.48
C GLU A 94 5.38 -7.06 20.51
N SER A 95 6.64 -7.06 20.05
CA SER A 95 7.78 -6.73 20.90
C SER A 95 8.66 -5.73 20.19
N TYR A 96 9.20 -4.78 20.95
CA TYR A 96 10.17 -3.83 20.40
C TYR A 96 11.58 -4.27 20.76
N LEU A 97 12.47 -4.22 19.75
CA LEU A 97 13.85 -4.66 19.88
C LEU A 97 14.76 -3.71 19.12
N THR A 98 16.05 -4.00 19.14
CA THR A 98 17.02 -3.28 18.32
C THR A 98 17.86 -4.27 17.53
N VAL A 99 18.38 -3.82 16.39
CA VAL A 99 19.26 -4.62 15.56
C VAL A 99 20.61 -4.82 16.27
N SER A 100 21.06 -3.75 16.93
CA SER A 100 22.39 -3.73 17.51
C SER A 100 22.49 -4.57 18.79
N SER A 101 21.35 -5.00 19.32
CA SER A 101 21.35 -5.89 20.49
C SER A 101 21.71 -7.32 20.09
N HIS A 102 21.51 -7.63 18.82
CA HIS A 102 21.60 -9.01 18.31
C HIS A 102 20.79 -10.17 18.91
N PRO A 103 19.45 -10.02 18.93
CA PRO A 103 18.56 -10.95 19.63
C PRO A 103 18.62 -12.31 18.94
N ASN A 104 19.28 -13.30 19.55
CA ASN A 104 19.75 -14.49 18.82
C ASN A 104 18.73 -15.26 18.00
N SER A 105 17.56 -15.49 18.58
CA SER A 105 16.51 -16.25 17.93
C SER A 105 15.99 -15.56 16.67
N LEU A 106 16.25 -14.27 16.52
CA LEU A 106 15.78 -13.51 15.35
C LEU A 106 16.85 -13.22 14.31
N MET A 107 18.05 -13.77 14.45
CA MET A 107 19.13 -13.35 13.55
C MET A 107 18.86 -13.77 12.10
N LYS A 108 18.19 -14.90 11.91
CA LYS A 108 17.92 -15.34 10.54
C LYS A 108 16.92 -14.38 9.88
N LYS A 109 15.91 -13.98 10.64
CA LYS A 109 14.91 -13.07 10.07
C LYS A 109 15.47 -11.67 9.89
N ILE A 110 16.30 -11.24 10.82
CA ILE A 110 16.96 -9.95 10.69
C ILE A 110 17.86 -9.91 9.49
N THR A 111 18.59 -11.00 9.26
CA THR A 111 19.50 -11.11 8.14
C THR A 111 18.77 -11.02 6.79
N LEU A 112 17.62 -11.69 6.71
CA LEU A 112 16.78 -11.68 5.52
C LEU A 112 16.22 -10.28 5.27
N LEU A 113 15.75 -9.63 6.33
CA LEU A 113 15.18 -8.28 6.20
C LEU A 113 16.25 -7.33 5.71
N LYS A 114 17.46 -7.44 6.25
CA LYS A 114 18.57 -6.61 5.78
C LYS A 114 18.91 -6.84 4.32
N TYR A 115 18.84 -8.11 3.91
CA TYR A 115 19.13 -8.48 2.55
C TYR A 115 18.10 -7.80 1.63
N PHE A 116 16.83 -7.91 2.00
CA PHE A 116 15.74 -7.31 1.20
C PHE A 116 15.91 -5.81 1.15
N ARG A 117 16.20 -5.22 2.30
CA ARG A 117 16.35 -3.78 2.41
C ARG A 117 17.46 -3.27 1.49
N ASN A 118 18.60 -3.94 1.50
CA ASN A 118 19.73 -3.52 0.68
C ASN A 118 19.42 -3.67 -0.79
N TYR A 119 18.73 -4.75 -1.13
CA TYR A 119 18.35 -4.99 -2.51
C TYR A 119 17.40 -3.91 -3.03
N MET A 120 16.38 -3.61 -2.25
CA MET A 120 15.41 -2.57 -2.65
C MET A 120 16.09 -1.23 -2.77
N SER A 121 16.96 -0.93 -1.83
CA SER A 121 17.66 0.35 -1.82
C SER A 121 18.58 0.52 -3.03
N GLU A 122 19.22 -0.56 -3.47
CA GLU A 122 20.20 -0.48 -4.55
C GLU A 122 19.59 -0.47 -5.94
N HIS A 123 18.48 -1.21 -6.11
CA HIS A 123 18.03 -1.59 -7.43
C HIS A 123 16.66 -1.09 -7.83
N LEU A 124 15.80 -0.78 -6.88
CA LEU A 124 14.38 -0.57 -7.25
C LEU A 124 13.97 0.89 -7.17
N LEU A 125 13.07 1.31 -8.07
CA LEU A 125 12.52 2.67 -8.02
C LEU A 125 11.62 2.87 -6.81
N LYS A 126 11.59 4.09 -6.28
CA LYS A 126 10.70 4.41 -5.16
C LYS A 126 9.40 4.92 -5.75
N ALA A 127 8.32 4.16 -5.58
CA ALA A 127 7.02 4.63 -6.05
C ALA A 127 6.64 5.89 -5.26
N GLY A 128 6.13 6.90 -5.97
CA GLY A 128 5.76 8.17 -5.36
C GLY A 128 6.98 8.94 -4.88
N ALA A 129 8.08 8.81 -5.63
CA ALA A 129 9.39 9.36 -5.20
C ALA A 129 9.33 10.86 -5.08
N ASN A 130 8.54 11.46 -5.97
CA ASN A 130 8.40 12.91 -6.05
C ASN A 130 7.56 13.52 -4.91
N ILE A 131 6.84 12.67 -4.20
CA ILE A 131 5.75 13.09 -3.31
C ILE A 131 6.12 13.19 -1.83
N THR A 132 5.82 14.31 -1.19
CA THR A 132 6.01 14.41 0.24
C THR A 132 4.78 13.84 0.90
N PRO A 133 4.97 12.79 1.74
CA PRO A 133 3.80 12.21 2.41
C PRO A 133 3.17 13.23 3.36
N ARG A 134 1.87 13.07 3.58
CA ARG A 134 1.16 13.89 4.55
C ARG A 134 1.81 13.65 5.92
N GLU A 135 1.92 14.69 6.73
CA GLU A 135 2.47 14.51 8.07
C GLU A 135 1.44 13.80 8.95
N GLY A 136 1.87 12.72 9.59
CA GLY A 136 1.00 12.01 10.52
C GLY A 136 1.36 12.38 11.95
N ASP A 137 0.51 12.01 12.90
CA ASP A 137 0.85 12.18 14.31
C ASP A 137 2.06 11.30 14.67
N GLU A 138 3.02 11.86 15.38
CA GLU A 138 4.26 11.15 15.72
C GLU A 138 4.02 9.90 16.59
N LEU A 139 2.90 9.88 17.29
CA LEU A 139 2.60 8.79 18.22
C LEU A 139 2.01 7.57 17.52
N ALA A 140 1.31 7.80 16.42
CA ALA A 140 0.65 6.73 15.69
C ALA A 140 1.66 5.62 15.38
N ARG A 141 1.20 4.38 15.41
CA ARG A 141 2.07 3.25 15.14
C ARG A 141 2.34 3.16 13.65
N LEU A 142 3.51 2.63 13.29
CA LEU A 142 3.84 2.38 11.89
C LEU A 142 2.94 1.24 11.40
N PRO A 143 2.22 1.44 10.28
CA PRO A 143 1.40 0.34 9.76
C PRO A 143 2.29 -0.79 9.25
N TYR A 144 1.77 -2.01 9.26
CA TYR A 144 2.51 -3.12 8.72
C TYR A 144 1.65 -3.79 7.65
N LEU A 145 2.23 -4.72 6.90
CA LEU A 145 1.48 -5.39 5.83
C LEU A 145 0.56 -6.48 6.40
N ARG A 146 -0.74 -6.31 6.22
CA ARG A 146 -1.70 -7.23 6.79
C ARG A 146 -1.83 -8.44 5.88
N THR A 147 -2.01 -8.21 4.59
CA THR A 147 -1.97 -9.29 3.63
C THR A 147 -1.68 -8.74 2.26
N TRP A 148 -1.39 -9.64 1.33
CA TRP A 148 -1.12 -9.27 -0.04
C TRP A 148 -1.48 -10.44 -0.93
N PHE A 149 -1.64 -10.14 -2.22
CA PHE A 149 -1.77 -11.18 -3.23
C PHE A 149 -1.51 -10.58 -4.60
N ARG A 150 -1.29 -11.45 -5.56
CA ARG A 150 -1.06 -11.00 -6.92
C ARG A 150 -2.11 -11.65 -7.80
N THR A 151 -2.53 -10.91 -8.81
CA THR A 151 -3.39 -11.45 -9.84
C THR A 151 -2.56 -11.36 -11.11
N ARG A 152 -3.17 -11.68 -12.24
CA ARG A 152 -2.49 -11.54 -13.51
C ARG A 152 -2.14 -10.08 -13.86
N SER A 153 -2.90 -9.13 -13.34
CA SER A 153 -2.70 -7.73 -13.71
C SER A 153 -2.10 -6.81 -12.63
N ALA A 154 -2.08 -7.27 -11.37
CA ALA A 154 -1.67 -6.39 -10.26
C ALA A 154 -1.16 -7.14 -9.04
N ILE A 155 -0.45 -6.42 -8.17
CA ILE A 155 -0.21 -6.90 -6.81
C ILE A 155 -1.06 -5.99 -5.90
N ILE A 156 -1.69 -6.61 -4.91
CA ILE A 156 -2.61 -5.92 -4.00
C ILE A 156 -1.96 -6.01 -2.64
N LEU A 157 -1.84 -4.86 -2.00
CA LEU A 157 -1.20 -4.74 -0.70
C LEU A 157 -2.13 -4.07 0.29
N HIS A 158 -2.42 -4.76 1.38
CA HIS A 158 -3.36 -4.28 2.38
C HIS A 158 -2.60 -4.00 3.67
N LEU A 159 -2.57 -2.73 4.06
CA LEU A 159 -1.84 -2.28 5.23
C LEU A 159 -2.74 -2.29 6.45
N SER A 160 -2.15 -2.48 7.62
CA SER A 160 -2.91 -2.50 8.88
C SER A 160 -3.59 -1.18 9.27
N ASN A 161 -3.28 -0.06 8.63
CA ASN A 161 -4.03 1.19 8.91
C ASN A 161 -5.28 1.33 8.04
N GLY A 162 -5.56 0.31 7.26
CA GLY A 162 -6.76 0.24 6.45
C GLY A 162 -6.53 0.54 4.98
N SER A 163 -5.36 1.05 4.64
CA SER A 163 -5.09 1.42 3.24
C SER A 163 -4.99 0.18 2.37
N VAL A 164 -5.44 0.30 1.12
CA VAL A 164 -5.27 -0.77 0.15
C VAL A 164 -4.59 -0.17 -1.06
N GLN A 165 -3.53 -0.79 -1.54
CA GLN A 165 -2.78 -0.26 -2.67
C GLN A 165 -2.76 -1.34 -3.75
N ILE A 166 -2.97 -0.93 -4.99
CA ILE A 166 -3.02 -1.87 -6.10
C ILE A 166 -2.05 -1.35 -7.14
N ASN A 167 -1.00 -2.12 -7.41
CA ASN A 167 0.03 -1.75 -8.38
C ASN A 167 -0.15 -2.59 -9.63
N PHE A 168 -0.51 -1.95 -10.73
CA PHE A 168 -0.73 -2.65 -12.00
C PHE A 168 0.57 -2.95 -12.75
N PHE A 169 0.76 -4.21 -13.13
CA PHE A 169 1.97 -4.65 -13.81
C PHE A 169 2.21 -4.01 -15.18
N GLN A 170 1.19 -3.96 -16.02
CA GLN A 170 1.38 -3.59 -17.43
C GLN A 170 1.86 -2.16 -17.70
N ASP A 171 1.36 -1.20 -16.92
CA ASP A 171 1.68 0.18 -17.24
C ASP A 171 2.22 0.92 -16.04
N HIS A 172 2.54 0.18 -14.98
CA HIS A 172 3.08 0.78 -13.76
C HIS A 172 2.14 1.79 -13.11
N THR A 173 0.84 1.73 -13.40
CA THR A 173 -0.08 2.63 -12.72
C THR A 173 -0.45 2.03 -11.35
N LYS A 174 -0.87 2.87 -10.43
CA LYS A 174 -1.06 2.43 -9.04
C LYS A 174 -2.22 3.20 -8.48
N LEU A 175 -2.99 2.53 -7.62
CA LEU A 175 -4.05 3.16 -6.85
C LEU A 175 -3.75 2.97 -5.38
N ILE A 176 -3.94 4.00 -4.56
CA ILE A 176 -3.82 3.83 -3.12
C ILE A 176 -5.14 4.34 -2.53
N LEU A 177 -5.90 3.44 -1.94
CA LEU A 177 -7.22 3.79 -1.41
C LEU A 177 -7.15 3.98 0.09
N CYS A 178 -7.75 5.05 0.56
CA CYS A 178 -7.74 5.37 1.99
C CYS A 178 -9.17 5.51 2.50
N PRO A 179 -9.68 4.48 3.19
CA PRO A 179 -11.07 4.48 3.68
C PRO A 179 -11.33 5.56 4.74
N LEU A 180 -10.30 6.00 5.44
CA LEU A 180 -10.51 6.93 6.56
C LEU A 180 -10.91 8.32 6.04
N MET A 181 -10.40 8.65 4.85
CA MET A 181 -10.67 9.92 4.18
C MET A 181 -11.60 9.75 2.99
N ALA A 182 -11.97 8.51 2.66
CA ALA A 182 -12.78 8.22 1.48
C ALA A 182 -12.11 8.91 0.28
N ALA A 183 -10.84 8.57 0.09
CA ALA A 183 -10.01 9.22 -0.92
C ALA A 183 -9.21 8.16 -1.66
N VAL A 184 -8.83 8.47 -2.90
CA VAL A 184 -7.93 7.61 -3.67
C VAL A 184 -6.83 8.43 -4.29
N THR A 185 -5.62 7.90 -4.23
CA THR A 185 -4.51 8.45 -4.97
C THR A 185 -4.22 7.58 -6.19
N TYR A 186 -4.12 8.21 -7.35
CA TYR A 186 -3.84 7.50 -8.59
C TYR A 186 -2.50 8.00 -9.10
N ILE A 187 -1.56 7.08 -9.30
CA ILE A 187 -0.29 7.40 -9.93
C ILE A 187 -0.38 6.88 -11.37
N ASP A 188 -0.31 7.78 -12.34
CA ASP A 188 -0.53 7.38 -13.72
C ASP A 188 0.73 6.86 -14.41
N GLU A 189 0.59 6.53 -15.69
CA GLU A 189 1.68 5.94 -16.44
C GLU A 189 2.87 6.89 -16.62
N LYS A 190 2.65 8.19 -16.46
CA LYS A 190 3.74 9.15 -16.50
C LYS A 190 4.27 9.50 -15.11
N ARG A 191 3.83 8.75 -14.10
CA ARG A 191 4.26 8.96 -12.71
C ARG A 191 3.75 10.25 -12.07
N ASP A 192 2.76 10.87 -12.72
CA ASP A 192 2.06 11.98 -12.08
C ASP A 192 1.09 11.41 -11.04
N PHE A 193 0.98 12.12 -9.91
CA PHE A 193 0.36 11.69 -8.65
C PHE A 193 -0.84 12.62 -8.54
N ARG A 194 -2.06 12.08 -8.41
CA ARG A 194 -3.25 12.91 -8.19
C ARG A 194 -4.05 12.28 -7.08
N THR A 195 -4.57 13.05 -6.12
CA THR A 195 -5.40 12.50 -5.05
C THR A 195 -6.81 13.07 -5.18
N TYR A 196 -7.81 12.19 -5.08
CA TYR A 196 -9.19 12.61 -5.22
C TYR A 196 -10.03 12.21 -4.01
N ARG A 197 -11.03 13.02 -3.69
CA ARG A 197 -12.01 12.62 -2.69
C ARG A 197 -13.07 11.83 -3.47
N LEU A 198 -13.43 10.64 -2.98
CA LEU A 198 -14.37 9.79 -3.72
C LEU A 198 -15.72 10.43 -3.90
N SER A 199 -16.17 11.20 -2.91
CA SER A 199 -17.48 11.84 -3.04
C SER A 199 -17.46 12.88 -4.15
N LEU A 200 -16.31 13.52 -4.37
CA LEU A 200 -16.21 14.50 -5.47
C LEU A 200 -16.13 13.80 -6.82
N LEU A 201 -15.51 12.63 -6.87
CA LEU A 201 -15.49 11.85 -8.12
C LEU A 201 -16.93 11.49 -8.51
N GLU A 202 -17.76 11.24 -7.50
CA GLU A 202 -19.19 10.97 -7.75
C GLU A 202 -19.86 12.19 -8.37
N GLU A 203 -19.48 13.37 -7.89
CA GLU A 203 -20.13 14.59 -8.37
C GLU A 203 -19.63 14.97 -9.76
N TYR A 204 -18.32 14.91 -9.95
CA TYR A 204 -17.70 15.51 -11.11
C TYR A 204 -17.28 14.50 -12.18
N GLY A 205 -17.27 13.21 -11.82
CA GLY A 205 -16.89 12.16 -12.76
C GLY A 205 -15.38 12.04 -12.99
N CYS A 206 -14.97 11.13 -13.87
CA CYS A 206 -13.53 10.94 -14.15
C CYS A 206 -13.33 10.24 -15.48
N CYS A 207 -12.10 10.19 -15.96
CA CYS A 207 -11.79 9.55 -17.23
C CYS A 207 -12.01 8.04 -17.17
N LYS A 208 -12.15 7.41 -18.33
CA LYS A 208 -12.33 5.97 -18.41
C LYS A 208 -11.19 5.17 -17.73
N GLU A 209 -9.96 5.69 -17.78
CA GLU A 209 -8.82 4.94 -17.23
C GLU A 209 -8.93 4.79 -15.72
N LEU A 210 -9.22 5.91 -15.04
CA LEU A 210 -9.43 5.87 -13.59
C LEU A 210 -10.72 5.11 -13.23
N ALA A 211 -11.81 5.33 -13.95
CA ALA A 211 -13.03 4.58 -13.65
C ALA A 211 -12.83 3.05 -13.76
N SER A 212 -12.11 2.62 -14.78
CA SER A 212 -11.84 1.20 -14.97
C SER A 212 -11.06 0.63 -13.78
N ARG A 213 -10.06 1.37 -13.34
CA ARG A 213 -9.23 0.89 -12.24
C ARG A 213 -9.99 0.86 -10.92
N LEU A 214 -10.95 1.76 -10.76
CA LEU A 214 -11.82 1.78 -9.57
C LEU A 214 -12.81 0.62 -9.57
N ARG A 215 -13.24 0.17 -10.74
CA ARG A 215 -14.06 -1.04 -10.79
C ARG A 215 -13.25 -2.28 -10.42
N TYR A 216 -12.00 -2.35 -10.90
CA TYR A 216 -11.07 -3.44 -10.56
C TYR A 216 -10.78 -3.41 -9.05
N ALA A 217 -10.60 -2.21 -8.51
CA ALA A 217 -10.40 -2.07 -7.05
C ALA A 217 -11.53 -2.67 -6.22
N ARG A 218 -12.78 -2.44 -6.63
CA ARG A 218 -13.90 -3.03 -5.89
C ARG A 218 -13.77 -4.56 -5.88
N THR A 219 -13.50 -5.13 -7.04
CA THR A 219 -13.29 -6.56 -7.16
C THR A 219 -12.18 -7.02 -6.21
N MET A 220 -11.10 -6.23 -6.12
CA MET A 220 -10.00 -6.62 -5.22
C MET A 220 -10.35 -6.49 -3.74
N VAL A 221 -11.11 -5.46 -3.37
CA VAL A 221 -11.53 -5.35 -1.98
C VAL A 221 -12.49 -6.49 -1.60
N ASP A 222 -13.35 -6.90 -2.53
CA ASP A 222 -14.19 -8.11 -2.31
C ASP A 222 -13.35 -9.35 -2.09
N LYS A 223 -12.24 -9.47 -2.81
CA LYS A 223 -11.36 -10.62 -2.67
C LYS A 223 -10.69 -10.58 -1.30
N LEU A 224 -10.23 -9.41 -0.88
CA LEU A 224 -9.64 -9.27 0.46
C LEU A 224 -10.64 -9.66 1.55
N LEU A 225 -11.85 -9.14 1.45
CA LEU A 225 -12.90 -9.46 2.41
C LEU A 225 -13.29 -10.94 2.39
N SER A 226 -13.13 -11.59 1.23
CA SER A 226 -13.52 -13.01 1.09
C SER A 226 -12.43 -13.95 1.59
N SER A 227 -11.25 -13.40 1.90
CA SER A 227 -10.11 -14.23 2.27
C SER A 227 -9.47 -13.93 3.64
N ARG A 228 -10.18 -13.09 4.33
CA ARG A 228 -9.75 -12.31 5.43
C ARG A 228 -8.82 -12.89 6.36
N SER A 229 -9.24 -13.93 7.06
CA SER A 229 -8.33 -14.36 8.12
C SER A 229 -7.85 -15.75 8.25
CN LAY B 1 7.90 -10.64 -9.99
O LAY B 1 6.90 -10.56 -9.36
CH3 LAY B 1 7.90 -10.37 -11.45
N LAY B 1 9.05 -10.97 -9.48
CA LAY B 1 9.26 -11.18 -8.11
C LAY B 1 9.64 -9.90 -7.41
ON LAY B 1 10.14 -10.02 -6.34
CB LAY B 1 10.45 -12.13 -8.01
CG LAY B 1 10.15 -13.59 -8.24
CD1 LAY B 1 8.75 -13.92 -8.71
CD2 LAY B 1 11.18 -14.20 -9.16
N HIS B 2 9.82 -8.62 -8.19
CA HIS B 2 10.00 -7.47 -7.31
C HIS B 2 9.34 -6.34 -8.03
N SER B 3 9.23 -5.21 -7.35
CA SER B 3 8.64 -4.01 -7.94
C SER B 3 9.60 -3.44 -8.99
N TPO B 4 9.17 -2.35 -9.62
CA TPO B 4 9.84 -1.82 -10.80
CB TPO B 4 9.03 -0.63 -11.32
CG2 TPO B 4 9.70 -0.13 -12.61
OG1 TPO B 4 7.74 -1.14 -11.68
P TPO B 4 6.55 -0.54 -10.75
O1P TPO B 4 6.57 1.06 -10.75
O2P TPO B 4 6.67 -1.01 -9.31
O3P TPO B 4 5.21 -1.16 -11.38
C TPO B 4 11.30 -1.44 -10.53
O TPO B 4 11.60 -0.75 -9.53
N ALA B 5 12.22 -1.89 -11.40
CA ALA B 5 13.65 -1.62 -11.21
C ALA B 5 14.00 -0.27 -11.78
#